data_6KK4
#
_entry.id   6KK4
#
_cell.length_a   48.828
_cell.length_b   60.432
_cell.length_c   83.196
_cell.angle_alpha   90.000
_cell.angle_beta   90.000
_cell.angle_gamma   90.000
#
_symmetry.space_group_name_H-M   'P 21 21 21'
#
loop_
_entity.id
_entity.type
_entity.pdbx_description
1 polymer 'Serine protease subunit NS2B'
2 polymer 'NS3 protease'
3 non-polymer 1-[(9~{R},16~{S},19~{S})-16,19-bis(4-azanylbutyl)-4,8,15,18,21-pentakis(oxidanylidene)-3,7,14,17,20-pentazabicyclo[21.3.1]heptacosa-1(26),23(27),24-trien-9-yl]guanidine
4 non-polymer GLYCEROL
5 water water
#
loop_
_entity_poly.entity_id
_entity_poly.type
_entity_poly.pdbx_seq_one_letter_code
_entity_poly.pdbx_strand_id
1 'polypeptide(L)' MTGKSVDMYIERAGDITWEKDAEVTGNSPRLDVALDESGDFSLVEEDGPPMRE A
2 'polypeptide(L)'
;GSGALWDVPAPKEVKKGETTDGVYRVMTRRLLGSTQVGVGVMQEGVFHTMWHVTKGAALRSGEGRLDPYWGDVKQDLVSY
CGPWKLDAAWDGLSEVQLLAVPPGERAKNIQTLPGIFKTKDGDIGAVALDYPAGTSGSPILDKCGRVIGLYGNGVVIKNG
SYVSAITQGKREEETPVE
;
B
#
loop_
_chem_comp.id
_chem_comp.type
_chem_comp.name
_chem_comp.formula
DE0 non-polymer 1-[(9~{R},16~{S},19~{S})-16,19-bis(4-azanylbutyl)-4,8,15,18,21-pentakis(oxidanylidene)-3,7,14,17,20-pentazabicyclo[21.3.1]heptacosa-1(26),23(27),24-trien-9-yl]guanidine 'C31 H52 N10 O5'
GOL non-polymer GLYCEROL 'C3 H8 O3'
#
# COMPACT_ATOMS: atom_id res chain seq x y z
N VAL A 6 7.74 19.49 7.49
CA VAL A 6 6.86 19.46 8.65
C VAL A 6 5.39 19.20 8.24
N ASP A 7 4.93 19.82 7.16
CA ASP A 7 3.53 19.70 6.74
C ASP A 7 3.41 18.46 5.87
N MET A 8 2.93 17.36 6.42
CA MET A 8 2.55 16.19 5.62
C MET A 8 1.03 16.20 5.41
N TYR A 9 0.59 16.08 4.16
CA TYR A 9 -0.82 16.28 3.87
C TYR A 9 -1.24 15.33 2.76
N ILE A 10 -2.54 15.11 2.62
CA ILE A 10 -3.02 14.17 1.62
C ILE A 10 -3.82 14.94 0.57
N GLU A 11 -3.81 14.41 -0.65
CA GLU A 11 -4.61 15.06 -1.69
C GLU A 11 -5.20 13.97 -2.55
N ARG A 12 -6.48 14.11 -2.88
CA ARG A 12 -7.11 12.99 -3.56
C ARG A 12 -6.52 12.81 -4.95
N ALA A 13 -6.41 11.55 -5.38
CA ALA A 13 -5.79 11.22 -6.64
C ALA A 13 -6.68 10.37 -7.53
N GLY A 14 -7.84 9.98 -7.07
CA GLY A 14 -8.76 9.32 -7.98
C GLY A 14 -9.63 8.31 -7.26
N ASP A 15 -10.47 7.66 -8.06
CA ASP A 15 -11.31 6.56 -7.62
C ASP A 15 -10.51 5.27 -7.72
N ILE A 16 -10.93 4.27 -6.96
CA ILE A 16 -10.24 2.98 -6.98
C ILE A 16 -11.11 2.05 -7.81
N THR A 17 -10.65 1.67 -8.98
CA THR A 17 -11.39 0.77 -9.86
C THR A 17 -10.42 -0.14 -10.58
N TRP A 18 -10.90 -1.34 -10.90
CA TRP A 18 -10.20 -2.24 -11.78
C TRP A 18 -10.38 -1.76 -13.21
N GLU A 19 -9.31 -1.78 -13.99
CA GLU A 19 -9.35 -1.27 -15.37
C GLU A 19 -9.54 -2.45 -16.30
N LYS A 20 -10.59 -2.39 -17.13
CA LYS A 20 -10.92 -3.57 -17.93
C LYS A 20 -9.84 -3.94 -18.92
N ASP A 21 -9.21 -3.00 -19.59
CA ASP A 21 -8.35 -3.63 -20.59
C ASP A 21 -6.89 -3.35 -20.32
N ALA A 22 -6.44 -3.64 -19.11
CA ALA A 22 -5.18 -3.10 -18.62
C ALA A 22 -3.96 -3.74 -19.27
N GLU A 23 -2.87 -2.97 -19.29
CA GLU A 23 -1.57 -3.51 -19.65
C GLU A 23 -1.20 -4.58 -18.63
N VAL A 24 -0.56 -5.65 -19.11
CA VAL A 24 -0.12 -6.73 -18.26
C VAL A 24 1.40 -6.80 -18.31
N THR A 25 2.04 -6.93 -17.17
CA THR A 25 3.49 -7.08 -17.21
C THR A 25 3.94 -7.76 -15.94
N GLY A 26 5.21 -8.14 -15.93
CA GLY A 26 5.83 -8.66 -14.72
C GLY A 26 5.85 -10.18 -14.72
N ASN A 27 6.88 -10.76 -14.10
CA ASN A 27 6.84 -12.21 -13.97
C ASN A 27 6.25 -12.51 -12.59
N SER A 28 6.39 -13.73 -12.13
CA SER A 28 5.71 -14.21 -10.92
C SER A 28 6.77 -14.89 -10.05
N PRO A 29 7.75 -14.15 -9.55
CA PRO A 29 8.90 -14.80 -8.89
C PRO A 29 8.46 -15.48 -7.61
N ARG A 30 9.14 -16.56 -7.27
CA ARG A 30 8.93 -17.27 -6.01
C ARG A 30 10.23 -17.15 -5.23
N LEU A 31 10.19 -16.48 -4.09
CA LEU A 31 11.39 -16.05 -3.38
C LEU A 31 11.28 -16.46 -1.92
N ASP A 32 12.35 -17.04 -1.36
CA ASP A 32 12.40 -17.31 0.08
C ASP A 32 12.81 -16.06 0.80
N VAL A 33 11.98 -15.58 1.75
CA VAL A 33 12.26 -14.31 2.39
C VAL A 33 11.99 -14.43 3.88
N ALA A 34 12.65 -13.54 4.64
CA ALA A 34 12.42 -13.42 6.07
C ALA A 34 11.90 -12.02 6.35
N LEU A 35 11.01 -11.91 7.33
CA LEU A 35 10.44 -10.62 7.70
C LEU A 35 10.90 -10.33 9.13
N ASP A 36 11.61 -9.23 9.35
CA ASP A 36 12.07 -9.02 10.72
C ASP A 36 11.10 -8.12 11.48
N GLU A 37 11.43 -7.86 12.77
CA GLU A 37 10.46 -7.18 13.63
C GLU A 37 10.28 -5.72 13.26
N SER A 38 11.15 -5.21 12.41
CA SER A 38 11.03 -3.82 11.96
C SER A 38 10.37 -3.70 10.59
N GLY A 39 9.84 -4.79 10.06
CA GLY A 39 9.15 -4.75 8.78
C GLY A 39 10.06 -4.81 7.58
N ASP A 40 11.29 -5.28 7.75
N ASP A 40 11.29 -5.26 7.73
CA ASP A 40 12.24 -5.47 6.65
CA ASP A 40 12.15 -5.40 6.56
C ASP A 40 12.08 -6.88 6.08
C ASP A 40 12.09 -6.83 6.07
N PHE A 41 11.83 -6.99 4.77
CA PHE A 41 11.94 -8.28 4.09
C PHE A 41 13.37 -8.42 3.61
N SER A 42 13.95 -9.60 3.78
CA SER A 42 15.25 -9.85 3.19
C SER A 42 15.22 -11.23 2.57
N LEU A 43 15.95 -11.37 1.47
CA LEU A 43 16.11 -12.65 0.82
C LEU A 43 16.91 -13.58 1.69
N VAL A 44 16.51 -14.85 1.74
CA VAL A 44 17.22 -15.82 2.58
C VAL A 44 18.37 -16.44 1.78
N GLU B 18 -10.56 16.12 4.18
CA GLU B 18 -11.73 15.32 3.80
C GLU B 18 -11.42 13.82 3.89
N THR B 19 -12.47 13.01 3.97
CA THR B 19 -12.39 11.55 4.07
C THR B 19 -13.28 10.89 3.01
N THR B 20 -13.39 11.47 1.82
CA THR B 20 -14.16 10.80 0.79
C THR B 20 -13.36 9.63 0.24
N ASP B 21 -14.04 8.52 0.00
CA ASP B 21 -13.35 7.30 -0.45
C ASP B 21 -12.49 7.57 -1.68
N GLY B 22 -11.36 6.89 -1.76
CA GLY B 22 -10.57 6.91 -2.98
C GLY B 22 -9.10 6.72 -2.65
N VAL B 23 -8.26 6.97 -3.65
CA VAL B 23 -6.82 6.89 -3.46
C VAL B 23 -6.26 8.31 -3.39
N TYR B 24 -5.28 8.51 -2.50
CA TYR B 24 -4.74 9.84 -2.21
C TYR B 24 -3.23 9.79 -2.27
N ARG B 25 -2.63 10.91 -2.68
CA ARG B 25 -1.19 11.09 -2.55
C ARG B 25 -0.90 11.60 -1.17
N VAL B 26 0.25 11.20 -0.62
CA VAL B 26 0.75 11.72 0.66
C VAL B 26 1.93 12.61 0.33
N MET B 27 1.80 13.89 0.64
CA MET B 27 2.75 14.92 0.21
C MET B 27 3.41 15.51 1.43
N THR B 28 4.65 15.96 1.28
CA THR B 28 5.29 16.77 2.32
C THR B 28 5.68 18.11 1.72
N ARG B 29 5.52 19.18 2.51
CA ARG B 29 5.94 20.52 2.11
C ARG B 29 6.93 21.03 3.12
N ARG B 30 8.05 21.57 2.64
CA ARG B 30 9.00 22.21 3.54
C ARG B 30 8.96 23.71 3.33
N LEU B 31 9.97 24.25 2.64
CA LEU B 31 10.02 25.65 2.24
C LEU B 31 9.69 25.85 0.76
N LEU B 32 10.28 25.04 -0.13
CA LEU B 32 10.03 25.14 -1.57
C LEU B 32 9.23 23.92 -2.01
N GLY B 33 7.96 24.14 -2.36
CA GLY B 33 7.17 23.12 -3.02
C GLY B 33 7.03 21.81 -2.28
N SER B 34 6.35 20.86 -2.90
CA SER B 34 5.95 19.64 -2.25
C SER B 34 6.58 18.43 -2.93
N THR B 35 6.73 17.39 -2.14
CA THR B 35 7.30 16.10 -2.55
C THR B 35 6.25 15.05 -2.24
N GLN B 36 5.99 14.14 -3.18
CA GLN B 36 5.13 13.02 -2.86
C GLN B 36 5.94 11.91 -2.17
N VAL B 37 5.58 11.56 -0.93
CA VAL B 37 6.32 10.51 -0.21
C VAL B 37 5.56 9.21 -0.24
N GLY B 38 4.29 9.21 -0.61
CA GLY B 38 3.58 7.96 -0.73
C GLY B 38 2.15 8.19 -1.17
N VAL B 39 1.33 7.19 -0.87
CA VAL B 39 -0.03 7.01 -1.38
C VAL B 39 -0.81 6.29 -0.30
N GLY B 40 -2.12 6.48 -0.28
CA GLY B 40 -2.88 5.63 0.64
C GLY B 40 -4.32 5.62 0.19
N VAL B 41 -5.14 4.85 0.93
CA VAL B 41 -6.52 4.51 0.56
C VAL B 41 -7.46 5.04 1.65
N MET B 42 -8.46 5.86 1.25
CA MET B 42 -9.52 6.28 2.17
C MET B 42 -10.69 5.32 1.96
N GLN B 43 -11.11 4.65 3.03
CA GLN B 43 -12.28 3.78 2.95
C GLN B 43 -12.97 3.77 4.30
N GLU B 44 -14.29 3.96 4.29
CA GLU B 44 -15.09 3.98 5.52
C GLU B 44 -14.54 4.99 6.52
N GLY B 45 -14.12 6.15 6.00
CA GLY B 45 -13.64 7.23 6.84
C GLY B 45 -12.29 6.98 7.51
N VAL B 46 -11.56 5.97 7.06
CA VAL B 46 -10.25 5.62 7.61
C VAL B 46 -9.23 5.76 6.50
N PHE B 47 -8.08 6.37 6.80
CA PHE B 47 -7.01 6.45 5.81
C PHE B 47 -5.98 5.36 6.11
N HIS B 48 -5.59 4.64 5.06
CA HIS B 48 -4.71 3.47 5.14
C HIS B 48 -3.45 3.72 4.34
N THR B 49 -2.28 3.54 4.95
CA THR B 49 -1.06 3.71 4.17
C THR B 49 0.02 2.86 4.79
N MET B 50 1.23 2.96 4.22
CA MET B 50 2.32 2.15 4.76
C MET B 50 3.05 2.96 5.81
N TRP B 51 3.54 2.26 6.86
CA TRP B 51 4.19 2.98 7.94
C TRP B 51 5.38 3.78 7.42
N HIS B 52 6.17 3.21 6.52
CA HIS B 52 7.36 3.94 6.13
C HIS B 52 7.06 5.22 5.35
N VAL B 53 5.79 5.41 4.91
CA VAL B 53 5.42 6.65 4.21
C VAL B 53 5.32 7.80 5.21
N THR B 54 4.63 7.59 6.34
CA THR B 54 4.36 8.66 7.31
C THR B 54 5.19 8.55 8.57
N LYS B 55 5.88 7.42 8.77
CA LYS B 55 6.54 7.11 10.04
C LYS B 55 5.58 7.18 11.22
N GLY B 56 4.28 6.99 10.94
CA GLY B 56 3.27 6.96 11.98
C GLY B 56 2.92 8.31 12.55
N ALA B 57 3.23 9.40 11.83
CA ALA B 57 2.97 10.76 12.31
C ALA B 57 1.63 11.26 11.75
N ALA B 58 1.17 12.39 12.27
CA ALA B 58 -0.14 12.87 11.86
C ALA B 58 -0.11 13.42 10.43
N LEU B 59 -1.30 13.47 9.82
CA LEU B 59 -1.50 13.97 8.45
C LEU B 59 -2.49 15.10 8.50
N ARG B 60 -2.34 16.03 7.56
CA ARG B 60 -3.35 17.06 7.31
C ARG B 60 -4.22 16.65 6.13
N SER B 61 -5.52 16.92 6.23
CA SER B 61 -6.43 16.75 5.11
C SER B 61 -7.19 18.06 5.00
N GLY B 62 -6.93 18.82 3.96
CA GLY B 62 -7.50 20.16 3.89
C GLY B 62 -7.15 20.95 5.14
N GLU B 63 -8.18 21.42 5.86
CA GLU B 63 -7.98 22.12 7.13
C GLU B 63 -7.94 21.18 8.35
N GLY B 64 -8.15 19.86 8.17
CA GLY B 64 -8.32 18.96 9.29
C GLY B 64 -7.12 18.06 9.54
N ARG B 65 -6.95 17.65 10.79
CA ARG B 65 -5.84 16.79 11.15
C ARG B 65 -6.34 15.35 11.24
N LEU B 66 -5.57 14.42 10.69
CA LEU B 66 -5.82 12.99 10.80
C LEU B 66 -4.81 12.39 11.77
N ASP B 67 -5.30 11.77 12.84
CA ASP B 67 -4.39 11.23 13.85
C ASP B 67 -4.22 9.73 13.66
N PRO B 68 -3.02 9.22 13.86
CA PRO B 68 -2.81 7.78 13.75
C PRO B 68 -3.69 7.07 14.77
N TYR B 69 -4.29 5.95 14.33
CA TYR B 69 -5.16 5.18 15.19
C TYR B 69 -4.61 3.80 15.48
N TRP B 70 -4.18 3.10 14.43
CA TRP B 70 -3.65 1.76 14.55
C TRP B 70 -2.42 1.66 13.68
N GLY B 71 -1.47 0.81 14.05
CA GLY B 71 -0.35 0.65 13.13
C GLY B 71 0.47 -0.52 13.63
N ASP B 72 1.39 -0.94 12.76
CA ASP B 72 2.23 -2.08 13.10
C ASP B 72 3.45 -1.97 12.19
N VAL B 73 4.63 -1.69 12.78
CA VAL B 73 5.79 -1.47 11.94
C VAL B 73 6.22 -2.76 11.24
N LYS B 74 5.96 -3.91 11.87
CA LYS B 74 6.35 -5.17 11.21
C LYS B 74 5.53 -5.42 9.94
N GLN B 75 4.22 -5.14 9.99
CA GLN B 75 3.40 -5.20 8.79
C GLN B 75 3.67 -4.02 7.89
N ASP B 76 4.31 -2.98 8.44
CA ASP B 76 4.59 -1.74 7.69
C ASP B 76 3.28 -1.08 7.26
N LEU B 77 2.34 -0.95 8.21
CA LEU B 77 1.01 -0.40 7.94
C LEU B 77 0.60 0.53 9.07
N VAL B 78 -0.22 1.53 8.70
CA VAL B 78 -0.76 2.48 9.66
C VAL B 78 -2.14 2.88 9.15
N SER B 79 -3.08 3.07 10.07
CA SER B 79 -4.37 3.60 9.68
C SER B 79 -4.66 4.85 10.52
N TYR B 80 -5.45 5.73 9.97
CA TYR B 80 -5.76 7.03 10.59
C TYR B 80 -7.26 7.13 10.76
N CYS B 81 -7.68 7.68 11.90
CA CYS B 81 -9.09 7.99 12.19
C CYS B 81 -9.89 6.77 12.63
N GLY B 82 -9.37 5.56 12.51
CA GLY B 82 -10.13 4.39 12.87
C GLY B 82 -9.29 3.18 12.57
N PRO B 83 -9.81 2.01 12.91
CA PRO B 83 -9.05 0.77 12.68
C PRO B 83 -9.01 0.40 11.20
N TRP B 84 -8.07 -0.50 10.90
CA TRP B 84 -7.84 -1.00 9.55
C TRP B 84 -9.12 -1.59 8.97
N LYS B 85 -9.56 -1.08 7.81
CA LYS B 85 -10.84 -1.48 7.25
C LYS B 85 -10.70 -2.45 6.08
N LEU B 86 -9.51 -2.55 5.48
CA LEU B 86 -9.39 -3.29 4.21
C LEU B 86 -9.23 -4.78 4.52
N ASP B 87 -10.17 -5.61 4.10
CA ASP B 87 -10.08 -7.01 4.49
C ASP B 87 -10.05 -8.00 3.33
N ALA B 88 -10.06 -7.53 2.10
CA ALA B 88 -10.01 -8.46 0.97
C ALA B 88 -8.61 -9.06 0.86
N ALA B 89 -8.55 -10.32 0.48
CA ALA B 89 -7.29 -11.02 0.28
C ALA B 89 -7.12 -11.50 -1.15
N TRP B 90 -5.86 -11.54 -1.60
CA TRP B 90 -5.59 -12.25 -2.85
C TRP B 90 -6.10 -13.69 -2.77
N ASP B 91 -6.75 -14.12 -3.85
CA ASP B 91 -7.29 -15.47 -3.85
C ASP B 91 -6.20 -16.51 -4.09
N GLY B 92 -4.97 -16.05 -4.29
CA GLY B 92 -3.90 -16.77 -4.93
C GLY B 92 -3.96 -16.84 -6.47
N LEU B 93 -4.91 -17.42 -7.02
CA LEU B 93 -4.61 -17.79 -8.38
C LEU B 93 -4.74 -16.68 -9.37
N SER B 94 -5.48 -15.61 -9.04
CA SER B 94 -5.88 -14.68 -10.07
C SER B 94 -4.86 -13.58 -10.28
N GLU B 95 -4.88 -13.01 -11.48
CA GLU B 95 -4.12 -11.77 -11.67
C GLU B 95 -4.72 -10.66 -10.81
N VAL B 96 -3.90 -9.66 -10.52
CA VAL B 96 -4.31 -8.51 -9.72
C VAL B 96 -3.92 -7.27 -10.50
N GLN B 97 -4.39 -6.10 -10.03
CA GLN B 97 -3.91 -4.84 -10.60
C GLN B 97 -3.28 -3.99 -9.51
N LEU B 98 -2.14 -3.40 -9.85
CA LEU B 98 -1.62 -2.28 -9.05
C LEU B 98 -2.22 -1.00 -9.61
N LEU B 99 -2.91 -0.25 -8.78
CA LEU B 99 -3.38 1.08 -9.14
C LEU B 99 -2.25 2.01 -8.70
N ALA B 100 -1.23 2.11 -9.57
CA ALA B 100 -0.05 2.90 -9.20
C ALA B 100 -0.35 4.38 -9.25
N VAL B 101 0.08 5.13 -8.22
CA VAL B 101 -0.08 6.57 -8.23
C VAL B 101 1.34 7.15 -8.07
N PRO B 102 2.13 7.22 -9.15
CA PRO B 102 3.53 7.63 -9.01
C PRO B 102 3.64 9.12 -8.82
N PRO B 103 4.69 9.60 -8.17
CA PRO B 103 4.90 11.06 -8.03
C PRO B 103 4.83 11.75 -9.39
N GLY B 104 4.08 12.85 -9.45
CA GLY B 104 4.13 13.60 -10.69
C GLY B 104 3.44 12.96 -11.88
N GLU B 105 2.76 11.84 -11.70
CA GLU B 105 2.09 11.12 -12.79
C GLU B 105 0.64 10.76 -12.45
N ARG B 106 -0.21 10.61 -13.49
CA ARG B 106 -1.58 10.10 -13.37
C ARG B 106 -1.62 8.74 -12.75
N ALA B 107 -2.68 8.50 -12.00
CA ALA B 107 -2.91 7.13 -11.55
C ALA B 107 -3.12 6.23 -12.76
N LYS B 108 -2.49 5.04 -12.70
CA LYS B 108 -2.51 4.08 -13.81
C LYS B 108 -2.65 2.67 -13.24
N ASN B 109 -3.40 1.83 -13.93
CA ASN B 109 -3.52 0.44 -13.53
C ASN B 109 -2.56 -0.44 -14.32
N ILE B 110 -1.93 -1.37 -13.62
CA ILE B 110 -1.06 -2.33 -14.27
C ILE B 110 -1.41 -3.72 -13.74
N GLN B 111 -1.61 -4.67 -14.64
CA GLN B 111 -2.10 -5.98 -14.27
C GLN B 111 -0.91 -6.96 -14.27
N THR B 112 -0.95 -7.92 -13.33
CA THR B 112 0.17 -8.84 -13.19
C THR B 112 -0.31 -10.09 -12.47
N LEU B 113 0.38 -11.23 -12.72
CA LEU B 113 0.13 -12.41 -11.91
C LEU B 113 1.13 -12.44 -10.77
N PRO B 114 0.69 -12.39 -9.51
CA PRO B 114 1.64 -12.34 -8.42
C PRO B 114 2.49 -13.60 -8.35
N GLY B 115 3.74 -13.39 -7.96
CA GLY B 115 4.60 -14.42 -7.40
C GLY B 115 4.33 -14.56 -5.90
N ILE B 116 5.31 -15.16 -5.21
CA ILE B 116 5.11 -15.52 -3.81
C ILE B 116 6.37 -15.18 -3.04
N PHE B 117 6.20 -14.53 -1.89
CA PHE B 117 7.23 -14.54 -0.84
C PHE B 117 6.94 -15.74 0.03
N LYS B 118 7.85 -16.72 0.05
CA LYS B 118 7.68 -17.83 0.97
C LYS B 118 8.40 -17.50 2.27
N THR B 119 7.66 -17.46 3.39
CA THR B 119 8.26 -17.20 4.68
C THR B 119 8.03 -18.39 5.60
N LYS B 120 8.75 -18.40 6.72
CA LYS B 120 8.60 -19.49 7.66
C LYS B 120 7.18 -19.57 8.22
N ASP B 121 6.43 -18.49 8.11
CA ASP B 121 5.07 -18.39 8.61
C ASP B 121 4.02 -18.48 7.52
N GLY B 122 4.41 -18.69 6.26
CA GLY B 122 3.45 -18.89 5.19
C GLY B 122 3.78 -18.04 4.00
N ASP B 123 2.95 -18.20 2.95
CA ASP B 123 3.19 -17.52 1.70
C ASP B 123 2.49 -16.18 1.71
N ILE B 124 3.14 -15.20 1.08
CA ILE B 124 2.58 -13.88 0.84
C ILE B 124 2.63 -13.61 -0.66
N GLY B 125 1.50 -13.19 -1.22
CA GLY B 125 1.53 -12.79 -2.62
C GLY B 125 2.49 -11.63 -2.82
N ALA B 126 3.11 -11.58 -4.01
CA ALA B 126 4.12 -10.56 -4.25
C ALA B 126 4.12 -10.14 -5.71
N VAL B 127 4.25 -8.83 -5.98
CA VAL B 127 4.15 -8.38 -7.37
C VAL B 127 5.50 -7.86 -7.85
N ALA B 128 5.89 -8.29 -9.05
CA ALA B 128 7.18 -7.88 -9.62
C ALA B 128 6.93 -6.63 -10.48
N LEU B 129 6.72 -5.50 -9.79
CA LEU B 129 6.39 -4.23 -10.45
C LEU B 129 7.25 -3.19 -9.75
N ASP B 130 7.89 -2.33 -10.54
CA ASP B 130 8.96 -1.45 -10.00
C ASP B 130 8.58 -0.02 -10.32
N TYR B 131 8.28 0.77 -9.27
CA TYR B 131 7.83 2.13 -9.39
C TYR B 131 8.64 3.02 -8.42
N PRO B 132 8.62 4.32 -8.62
CA PRO B 132 9.34 5.24 -7.71
C PRO B 132 8.92 5.05 -6.26
N ALA B 133 9.83 5.40 -5.35
CA ALA B 133 9.56 5.11 -3.93
C ALA B 133 8.30 5.80 -3.44
N GLY B 134 7.98 6.98 -3.96
CA GLY B 134 6.79 7.68 -3.52
C GLY B 134 5.50 7.05 -4.02
N THR B 135 5.60 5.96 -4.78
CA THR B 135 4.43 5.16 -5.13
C THR B 135 3.99 4.26 -3.98
N SER B 136 4.81 4.16 -2.95
CA SER B 136 4.49 3.36 -1.76
C SER B 136 3.11 3.66 -1.22
N GLY B 137 2.36 2.59 -0.91
CA GLY B 137 1.00 2.76 -0.42
C GLY B 137 -0.06 2.63 -1.50
N SER B 138 0.36 2.54 -2.77
CA SER B 138 -0.62 2.40 -3.84
C SER B 138 -1.38 1.09 -3.66
N PRO B 139 -2.67 1.07 -3.94
CA PRO B 139 -3.47 -0.13 -3.67
C PRO B 139 -3.33 -1.16 -4.77
N ILE B 140 -3.35 -2.43 -4.35
CA ILE B 140 -3.41 -3.58 -5.24
C ILE B 140 -4.82 -4.15 -5.16
N LEU B 141 -5.43 -4.41 -6.31
CA LEU B 141 -6.87 -4.69 -6.41
C LEU B 141 -7.14 -6.07 -6.95
N ASP B 142 -8.26 -6.65 -6.53
CA ASP B 142 -8.77 -7.83 -7.24
C ASP B 142 -9.77 -7.39 -8.31
N LYS B 143 -10.37 -8.37 -9.01
CA LYS B 143 -11.19 -8.04 -10.16
C LYS B 143 -12.52 -7.41 -9.76
N CYS B 144 -12.89 -7.44 -8.48
CA CYS B 144 -14.05 -6.72 -7.97
C CYS B 144 -13.72 -5.28 -7.61
N GLY B 145 -12.47 -4.87 -7.79
CA GLY B 145 -12.04 -3.55 -7.39
C GLY B 145 -11.76 -3.42 -5.90
N ARG B 146 -11.76 -4.55 -5.17
CA ARG B 146 -11.46 -4.50 -3.74
C ARG B 146 -9.98 -4.40 -3.52
N VAL B 147 -9.59 -3.64 -2.48
CA VAL B 147 -8.16 -3.48 -2.20
C VAL B 147 -7.69 -4.69 -1.41
N ILE B 148 -6.77 -5.47 -2.00
CA ILE B 148 -6.27 -6.69 -1.35
C ILE B 148 -4.93 -6.44 -0.69
N GLY B 149 -4.39 -5.24 -0.82
CA GLY B 149 -3.16 -4.89 -0.12
C GLY B 149 -2.59 -3.60 -0.67
N LEU B 150 -1.50 -3.15 -0.03
CA LEU B 150 -0.79 -1.95 -0.46
C LEU B 150 0.60 -2.32 -0.96
N TYR B 151 1.05 -1.55 -1.93
CA TYR B 151 2.33 -1.78 -2.59
C TYR B 151 3.49 -1.09 -1.89
N GLY B 152 4.63 -1.76 -1.80
CA GLY B 152 5.81 -0.94 -1.48
C GLY B 152 6.69 -1.48 -0.38
N ASN B 153 6.41 -2.65 0.18
CA ASN B 153 7.35 -3.24 1.14
C ASN B 153 7.87 -4.51 0.48
N GLY B 154 9.16 -4.55 0.14
CA GLY B 154 9.60 -5.62 -0.74
C GLY B 154 11.09 -5.89 -0.60
N VAL B 155 11.63 -6.48 -1.69
CA VAL B 155 13.04 -6.87 -1.77
C VAL B 155 13.55 -6.50 -3.15
N VAL B 156 14.87 -6.37 -3.23
CA VAL B 156 15.56 -6.17 -4.51
C VAL B 156 16.25 -7.47 -4.84
N ILE B 157 15.90 -8.06 -5.98
CA ILE B 157 16.54 -9.30 -6.37
C ILE B 157 17.84 -9.07 -7.12
N LYS B 158 18.49 -10.15 -7.53
CA LYS B 158 19.89 -10.10 -7.92
C LYS B 158 20.16 -9.09 -9.04
N ASN B 159 19.25 -8.94 -10.00
CA ASN B 159 19.55 -8.07 -11.13
C ASN B 159 19.13 -6.63 -10.87
N GLY B 160 18.76 -6.31 -9.63
CA GLY B 160 18.38 -4.97 -9.26
C GLY B 160 16.92 -4.68 -9.41
N SER B 161 16.12 -5.60 -9.96
CA SER B 161 14.70 -5.28 -10.02
C SER B 161 14.03 -5.55 -8.68
N TYR B 162 12.78 -5.17 -8.60
CA TYR B 162 12.07 -5.03 -7.34
C TYR B 162 10.86 -5.96 -7.32
N VAL B 163 10.60 -6.53 -6.15
CA VAL B 163 9.37 -7.31 -5.94
C VAL B 163 8.74 -6.83 -4.63
N SER B 164 7.46 -6.47 -4.68
CA SER B 164 6.74 -5.95 -3.52
C SER B 164 5.81 -7.01 -2.93
N ALA B 165 5.76 -7.13 -1.59
CA ALA B 165 4.68 -7.94 -1.03
C ALA B 165 3.35 -7.29 -1.32
N ILE B 166 2.30 -8.10 -1.37
CA ILE B 166 0.93 -7.58 -1.32
C ILE B 166 0.60 -7.47 0.16
N THR B 167 0.74 -6.27 0.74
CA THR B 167 0.71 -6.16 2.19
C THR B 167 -0.71 -5.80 2.60
N GLN B 168 -1.34 -6.65 3.42
CA GLN B 168 -2.70 -6.38 3.84
C GLN B 168 -2.75 -6.46 5.38
N GLY B 169 -3.59 -5.61 5.99
CA GLY B 169 -3.82 -5.62 7.42
C GLY B 169 -4.99 -6.53 7.78
N LYS B 170 -5.21 -6.70 9.06
CA LYS B 170 -6.35 -7.45 9.55
C LYS B 170 -7.49 -6.49 9.91
N ARG B 171 -8.69 -6.74 9.38
CA ARG B 171 -9.84 -5.98 9.86
C ARG B 171 -10.37 -6.67 11.12
N GLU B 172 -10.16 -6.05 12.27
CA GLU B 172 -10.51 -6.71 13.53
C GLU B 172 -12.02 -6.63 13.79
N GLU B 173 -12.52 -7.55 14.60
CA GLU B 173 -13.90 -7.42 15.02
C GLU B 173 -14.04 -6.15 15.85
N GLU B 174 -15.24 -5.60 15.86
CA GLU B 174 -15.50 -4.42 16.66
C GLU B 174 -15.13 -4.67 18.12
N THR B 175 -14.54 -3.66 18.76
CA THR B 175 -14.22 -3.77 20.18
C THR B 175 -15.50 -3.65 20.99
N PRO B 176 -15.66 -4.46 22.06
CA PRO B 176 -16.83 -4.34 22.92
C PRO B 176 -16.95 -2.93 23.49
N VAL B 177 -18.13 -2.66 24.05
CA VAL B 177 -18.37 -1.41 24.75
C VAL B 177 -18.67 -1.71 26.21
N GLU B 178 -18.28 -0.79 27.07
CA GLU B 178 -18.37 -0.98 28.51
C GLU B 178 -19.79 -1.42 28.97
C10 DE0 C . 13.04 1.88 -5.67
C13 DE0 C . 11.09 0.35 -5.47
C15 DE0 C . 9.04 0.98 -4.19
C20 DE0 C . 10.72 1.54 1.40
C21 DE0 C . 11.36 0.77 2.56
C22 DE0 C . 10.44 -0.30 3.19
C26 DE0 C . 11.89 -1.40 -0.46
C28 DE0 C . 13.27 -1.96 -0.83
C01 DE0 C . 18.58 0.75 -5.36
C02 DE0 C . 17.63 1.75 -5.16
C03 DE0 C . 17.63 2.96 -6.10
C05 DE0 C . 15.64 4.27 -6.81
C07 DE0 C . 14.49 4.25 -7.80
C08 DE0 C . 13.23 3.92 -7.00
C12 DE0 C . 12.63 0.42 -5.56
C14 DE0 C . 10.60 1.07 -4.20
C16 DE0 C . 8.45 1.64 -2.92
C18 DE0 C . 10.06 1.53 -0.99
C19 DE0 C . 10.51 0.66 0.15
C23 DE0 C . 11.25 -1.07 4.24
C29 DE0 C . 13.73 -2.83 0.36
C30 DE0 C . 14.90 -3.68 -0.12
C31 DE0 C . 15.24 -4.80 0.89
C32 DE0 C . 15.39 -4.42 2.35
C35 DE0 C . 14.76 -0.46 -2.22
C37 DE0 C . 15.79 0.65 -2.09
C38 DE0 C . 16.77 0.63 -3.25
C39 DE0 C . 16.73 1.74 -4.11
C40 DE0 C . 17.71 -0.38 -3.40
C41 DE0 C . 18.62 -0.34 -4.47
C44 DE0 C . 14.28 -0.86 -6.88
N04 DE0 C . 16.44 3.09 -6.93
N09 DE0 C . 12.93 2.50 -6.95
N17 DE0 C . 9.02 0.98 -1.75
N24 DE0 C . 10.35 -1.81 5.12
N25 DE0 C . 11.78 0.01 -0.24
N33 DE0 C . 15.95 -5.62 3.02
N34 DE0 C . 14.27 -0.87 -0.95
N43 DE0 C . 12.99 -0.26 -6.77
N45 DE0 C . 15.17 -0.85 -5.96
N46 DE0 C . 14.46 -1.44 -8.16
O06 DE0 C . 15.86 5.13 -5.99
O11 DE0 C . 13.38 2.48 -4.70
O27 DE0 C . 10.92 -2.11 -0.37
O36 DE0 C . 14.39 -0.89 -3.26
O42 DE0 C . 10.55 2.60 -1.24
C1 GOL D . -1.59 -11.35 -0.16
O1 GOL D . -1.18 -12.80 0.07
C2 GOL D . -2.80 -10.70 0.71
O2 GOL D . -3.85 -10.01 -0.05
C3 GOL D . -3.37 -11.93 1.34
O3 GOL D . -3.62 -12.66 0.19
H11 GOL D . -1.85 -11.23 -1.09
H12 GOL D . -0.83 -10.76 -0.01
HO1 GOL D . -0.59 -12.99 -0.49
H2 GOL D . -2.45 -10.02 1.30
HO2 GOL D . -4.47 -9.80 0.49
H31 GOL D . -4.16 -11.71 1.87
H32 GOL D . -2.75 -12.33 1.97
HO3 GOL D . -4.33 -13.12 0.32
#